data_7WJT
#
_entry.id   7WJT
#
_cell.length_a   60.295
_cell.length_b   90.484
_cell.length_c   49.223
_cell.angle_alpha   90.000
_cell.angle_beta   101.846
_cell.angle_gamma   90.000
#
_symmetry.space_group_name_H-M   'C 1 2 1'
#
_entity_poly.entity_id   1
_entity_poly.type   'polypeptide(L)'
_entity_poly.pdbx_seq_one_letter_code
;GGSVKLEMEMVTQQYEKAKAIQDEQLERLTQICQEQGFEIRQLRAHLAQQDLDLAAEREAALQA
;
_entity_poly.pdbx_strand_id   A,B,C,D
#
# COMPACT_ATOMS: atom_id res chain seq x y z
N GLU A 7 -2.15 -15.81 16.56
CA GLU A 7 -1.19 -14.85 16.02
C GLU A 7 -1.64 -14.35 14.65
N MET A 8 -2.24 -15.25 13.86
CA MET A 8 -2.77 -14.87 12.55
C MET A 8 -3.90 -13.85 12.66
N GLU A 9 -4.80 -14.04 13.64
CA GLU A 9 -5.86 -13.06 13.86
C GLU A 9 -5.27 -11.70 14.17
N MET A 10 -4.23 -11.68 15.01
CA MET A 10 -3.60 -10.42 15.41
C MET A 10 -2.93 -9.76 14.21
N VAL A 11 -2.29 -10.58 13.37
CA VAL A 11 -1.65 -10.06 12.16
C VAL A 11 -2.69 -9.45 11.23
N THR A 12 -3.85 -10.12 11.09
CA THR A 12 -4.90 -9.60 10.22
C THR A 12 -5.46 -8.27 10.73
N GLN A 13 -5.66 -8.17 12.06
CA GLN A 13 -6.17 -6.92 12.62
C GLN A 13 -5.17 -5.78 12.44
N GLN A 14 -3.88 -6.06 12.66
CA GLN A 14 -2.86 -5.05 12.44
C GLN A 14 -2.83 -4.62 10.96
N TYR A 15 -2.95 -5.60 10.06
CA TYR A 15 -3.02 -5.33 8.63
C TYR A 15 -4.18 -4.39 8.29
N GLU A 16 -5.37 -4.67 8.85
CA GLU A 16 -6.55 -3.87 8.49
C GLU A 16 -6.49 -2.47 9.09
N LYS A 17 -5.94 -2.33 10.28
CA LYS A 17 -5.77 -0.99 10.86
C LYS A 17 -4.82 -0.15 10.02
N ALA A 18 -3.70 -0.76 9.60
CA ALA A 18 -2.76 -0.03 8.74
C ALA A 18 -3.38 0.33 7.39
N LYS A 19 -4.19 -0.58 6.83
CA LYS A 19 -4.92 -0.27 5.61
C LYS A 19 -5.83 0.95 5.78
N ALA A 20 -6.54 1.04 6.91
CA ALA A 20 -7.42 2.20 7.12
C ALA A 20 -6.62 3.49 7.21
N ILE A 21 -5.46 3.47 7.88
CA ILE A 21 -4.63 4.67 7.95
C ILE A 21 -4.20 5.11 6.55
N GLN A 22 -3.72 4.17 5.74
CA GLN A 22 -3.29 4.48 4.38
C GLN A 22 -4.42 5.06 3.55
N ASP A 23 -5.61 4.46 3.63
CA ASP A 23 -6.73 4.97 2.85
C ASP A 23 -7.04 6.40 3.24
N GLU A 24 -7.00 6.70 4.54
CA GLU A 24 -7.25 8.07 4.99
C GLU A 24 -6.21 9.03 4.41
N GLN A 25 -4.95 8.62 4.36
CA GLN A 25 -3.92 9.48 3.78
C GLN A 25 -4.17 9.73 2.30
N LEU A 26 -4.56 8.68 1.58
CA LEU A 26 -4.89 8.86 0.17
C LEU A 26 -6.04 9.83 0.00
N GLU A 27 -7.06 9.73 0.87
CA GLU A 27 -8.18 10.66 0.76
C GLU A 27 -7.76 12.10 1.03
N ARG A 28 -6.85 12.31 1.98
CA ARG A 28 -6.38 13.66 2.24
C ARG A 28 -5.62 14.23 1.05
N LEU A 29 -4.78 13.42 0.42
CA LEU A 29 -4.07 13.89 -0.78
C LEU A 29 -5.05 14.27 -1.89
N THR A 30 -6.10 13.46 -2.08
CA THR A 30 -7.11 13.77 -3.08
C THR A 30 -7.77 15.12 -2.78
N GLN A 31 -8.08 15.35 -1.49
CA GLN A 31 -8.69 16.63 -1.11
C GLN A 31 -7.74 17.80 -1.36
N ILE A 32 -6.44 17.61 -1.09
CA ILE A 32 -5.48 18.68 -1.35
C ILE A 32 -5.44 19.00 -2.84
N CYS A 33 -5.46 17.98 -3.69
N CYS A 33 -5.44 17.96 -3.68
CA CYS A 33 -5.45 18.22 -5.13
CA CYS A 33 -5.47 18.16 -5.12
C CYS A 33 -6.73 18.92 -5.58
C CYS A 33 -6.72 18.92 -5.56
N GLN A 34 -7.87 18.56 -5.00
CA GLN A 34 -9.12 19.22 -5.39
C GLN A 34 -9.15 20.67 -4.91
N GLU A 35 -8.65 20.95 -3.71
CA GLU A 35 -8.59 22.32 -3.24
C GLU A 35 -7.66 23.16 -4.13
N GLN A 36 -6.55 22.57 -4.58
CA GLN A 36 -5.69 23.29 -5.52
C GLN A 36 -6.42 23.56 -6.83
N GLY A 37 -7.19 22.59 -7.32
CA GLY A 37 -7.99 22.84 -8.51
C GLY A 37 -8.94 24.02 -8.34
N PHE A 38 -9.62 24.08 -7.19
CA PHE A 38 -10.50 25.22 -6.92
C PHE A 38 -9.72 26.53 -6.91
N GLU A 39 -8.54 26.54 -6.28
CA GLU A 39 -7.74 27.76 -6.23
C GLU A 39 -7.30 28.19 -7.63
N ILE A 40 -6.94 27.23 -8.48
CA ILE A 40 -6.51 27.56 -9.83
C ILE A 40 -7.66 28.20 -10.61
N ARG A 41 -8.85 27.61 -10.51
CA ARG A 41 -9.97 28.17 -11.25
C ARG A 41 -10.31 29.58 -10.75
N GLN A 42 -10.24 29.81 -9.43
CA GLN A 42 -10.48 31.15 -8.92
C GLN A 42 -9.44 32.14 -9.42
N LEU A 43 -8.16 31.73 -9.42
CA LEU A 43 -7.09 32.63 -9.85
C LEU A 43 -7.23 32.97 -11.32
N ARG A 44 -7.66 32.01 -12.13
CA ARG A 44 -7.89 32.27 -13.55
C ARG A 44 -9.06 33.22 -13.74
N ALA A 45 -10.14 33.04 -12.97
CA ALA A 45 -11.26 33.97 -13.06
C ALA A 45 -10.83 35.39 -12.69
N HIS A 46 -10.05 35.52 -11.60
CA HIS A 46 -9.57 36.84 -11.19
C HIS A 46 -8.65 37.43 -12.25
N LEU A 47 -7.80 36.60 -12.86
CA LEU A 47 -6.91 37.08 -13.91
C LEU A 47 -7.69 37.60 -15.11
N ALA A 48 -8.74 36.88 -15.52
CA ALA A 48 -9.57 37.31 -16.64
C ALA A 48 -10.29 38.63 -16.31
N GLN A 49 -10.87 38.73 -15.12
CA GLN A 49 -11.53 39.97 -14.72
C GLN A 49 -10.55 41.15 -14.73
N GLN A 50 -9.33 40.92 -14.24
CA GLN A 50 -8.35 42.00 -14.21
C GLN A 50 -7.88 42.37 -15.61
N ASP A 51 -7.84 41.40 -16.53
CA ASP A 51 -7.59 41.75 -17.93
C ASP A 51 -8.67 42.68 -18.46
N LEU A 52 -9.94 42.40 -18.10
CA LEU A 52 -11.02 43.29 -18.51
C LEU A 52 -10.83 44.69 -17.94
N ASP A 53 -10.42 44.77 -16.67
CA ASP A 53 -10.21 46.07 -16.04
C ASP A 53 -9.07 46.84 -16.72
N LEU A 54 -7.99 46.14 -17.06
CA LEU A 54 -6.88 46.79 -17.76
C LEU A 54 -7.30 47.31 -19.12
N ALA A 55 -8.08 46.51 -19.87
CA ALA A 55 -8.59 47.00 -21.15
C ALA A 55 -9.49 48.21 -20.97
N ALA A 56 -10.32 48.21 -19.92
CA ALA A 56 -11.19 49.35 -19.65
C ALA A 56 -10.39 50.61 -19.35
N GLU A 57 -9.32 50.49 -18.56
CA GLU A 57 -8.50 51.66 -18.25
C GLU A 57 -7.76 52.17 -19.50
N ARG A 58 -7.21 51.26 -20.30
CA ARG A 58 -6.57 51.67 -21.55
C ARG A 58 -7.58 52.36 -22.47
N GLU A 59 -8.81 51.84 -22.53
CA GLU A 59 -9.84 52.46 -23.36
C GLU A 59 -10.21 53.85 -22.84
N ALA A 60 -10.26 54.00 -21.52
CA ALA A 60 -10.55 55.31 -20.94
C ALA A 60 -9.43 56.30 -21.26
N ALA A 61 -8.20 55.81 -21.37
CA ALA A 61 -7.09 56.67 -21.83
C ALA A 61 -7.12 56.85 -23.35
N GLY B 2 1.82 -27.52 -7.41
CA GLY B 2 3.01 -26.78 -7.02
C GLY B 2 3.34 -26.92 -5.54
N SER B 3 4.60 -26.70 -5.19
CA SER B 3 5.04 -26.84 -3.80
C SER B 3 4.54 -25.65 -2.98
N VAL B 4 4.71 -25.77 -1.65
CA VAL B 4 4.36 -24.66 -0.77
C VAL B 4 5.30 -23.49 -1.00
N LYS B 5 6.58 -23.75 -1.32
CA LYS B 5 7.51 -22.65 -1.54
C LYS B 5 7.17 -21.88 -2.81
N LEU B 6 6.71 -22.56 -3.85
CA LEU B 6 6.27 -21.87 -5.05
C LEU B 6 5.04 -21.01 -4.77
N GLU B 7 4.09 -21.56 -4.02
CA GLU B 7 2.89 -20.79 -3.66
C GLU B 7 3.25 -19.58 -2.80
N MET B 8 4.22 -19.74 -1.90
CA MET B 8 4.66 -18.60 -1.11
C MET B 8 5.28 -17.54 -1.99
N GLU B 9 6.14 -17.94 -2.93
CA GLU B 9 6.73 -16.97 -3.84
C GLU B 9 5.65 -16.26 -4.65
N MET B 10 4.65 -16.99 -5.13
CA MET B 10 3.64 -16.35 -5.97
C MET B 10 2.77 -15.37 -5.18
N VAL B 11 2.37 -15.74 -3.96
CA VAL B 11 1.59 -14.79 -3.16
C VAL B 11 2.43 -13.56 -2.84
N THR B 12 3.72 -13.75 -2.53
CA THR B 12 4.58 -12.61 -2.24
C THR B 12 4.75 -11.71 -3.46
N GLN B 13 4.94 -12.30 -4.64
CA GLN B 13 5.10 -11.49 -5.84
C GLN B 13 3.83 -10.71 -6.16
N GLN B 14 2.67 -11.37 -6.06
CA GLN B 14 1.41 -10.69 -6.30
C GLN B 14 1.20 -9.55 -5.31
N TYR B 15 1.50 -9.80 -4.03
CA TYR B 15 1.40 -8.76 -3.02
C TYR B 15 2.29 -7.57 -3.35
N GLU B 16 3.53 -7.84 -3.75
CA GLU B 16 4.47 -6.76 -4.03
C GLU B 16 4.08 -6.00 -5.30
N LYS B 17 3.54 -6.70 -6.30
CA LYS B 17 3.06 -6.00 -7.49
C LYS B 17 1.92 -5.06 -7.14
N ALA B 18 1.00 -5.53 -6.29
CA ALA B 18 -0.11 -4.69 -5.86
C ALA B 18 0.38 -3.49 -5.07
N LYS B 19 1.34 -3.72 -4.17
CA LYS B 19 1.93 -2.63 -3.41
C LYS B 19 2.58 -1.60 -4.33
N ALA B 20 3.30 -2.08 -5.37
CA ALA B 20 3.93 -1.17 -6.31
C ALA B 20 2.90 -0.32 -7.05
N ILE B 21 1.79 -0.93 -7.47
CA ILE B 21 0.75 -0.16 -8.15
C ILE B 21 0.20 0.94 -7.23
N GLN B 22 -0.06 0.60 -5.96
CA GLN B 22 -0.52 1.61 -5.03
C GLN B 22 0.49 2.75 -4.89
N ASP B 23 1.77 2.40 -4.78
CA ASP B 23 2.82 3.42 -4.67
C ASP B 23 2.83 4.30 -5.90
N GLU B 24 2.63 3.70 -7.07
CA GLU B 24 2.56 4.47 -8.31
C GLU B 24 1.38 5.44 -8.29
N GLN B 25 0.24 5.03 -7.75
CA GLN B 25 -0.91 5.93 -7.66
C GLN B 25 -0.61 7.11 -6.73
N LEU B 26 0.02 6.82 -5.59
CA LEU B 26 0.40 7.89 -4.67
C LEU B 26 1.35 8.87 -5.36
N GLU B 27 2.34 8.34 -6.09
CA GLU B 27 3.29 9.20 -6.79
C GLU B 27 2.62 10.03 -7.87
N ARG B 28 1.61 9.48 -8.56
CA ARG B 28 0.90 10.26 -9.56
C ARG B 28 0.13 11.41 -8.91
N LEU B 29 -0.53 11.14 -7.78
CA LEU B 29 -1.20 12.22 -7.05
C LEU B 29 -0.21 13.30 -6.63
N THR B 30 0.97 12.87 -6.16
CA THR B 30 2.00 13.82 -5.74
C THR B 30 2.45 14.70 -6.90
N GLN B 31 2.65 14.10 -8.08
CA GLN B 31 3.05 14.89 -9.24
C GLN B 31 1.95 15.88 -9.66
N ILE B 32 0.68 15.46 -9.57
CA ILE B 32 -0.41 16.38 -9.88
C ILE B 32 -0.41 17.55 -8.91
N CYS B 33 -0.25 17.27 -7.62
N CYS B 33 -0.24 17.28 -7.62
CA CYS B 33 -0.19 18.33 -6.62
CA CYS B 33 -0.21 18.36 -6.65
C CYS B 33 0.97 19.27 -6.89
C CYS B 33 0.98 19.29 -6.88
N GLN B 34 2.13 18.73 -7.30
CA GLN B 34 3.30 19.57 -7.57
C GLN B 34 3.09 20.45 -8.79
N GLU B 35 2.51 19.90 -9.86
CA GLU B 35 2.25 20.70 -11.05
C GLU B 35 1.22 21.79 -10.76
N GLN B 36 0.20 21.46 -9.97
CA GLN B 36 -0.78 22.48 -9.61
C GLN B 36 -0.16 23.58 -8.77
N GLY B 37 0.72 23.22 -7.83
CA GLY B 37 1.43 24.22 -7.06
C GLY B 37 2.24 25.16 -7.94
N PHE B 38 2.95 24.60 -8.91
CA PHE B 38 3.69 25.42 -9.85
C PHE B 38 2.77 26.37 -10.62
N GLU B 39 1.63 25.84 -11.11
CA GLU B 39 0.71 26.69 -11.85
C GLU B 39 0.14 27.79 -10.96
N ILE B 40 -0.14 27.48 -9.70
CA ILE B 40 -0.68 28.48 -8.78
C ILE B 40 0.32 29.59 -8.55
N ARG B 41 1.60 29.23 -8.34
CA ARG B 41 2.60 30.26 -8.14
C ARG B 41 2.73 31.15 -9.37
N GLN B 42 2.66 30.55 -10.57
CA GLN B 42 2.71 31.36 -11.79
C GLN B 42 1.51 32.28 -11.92
N LEU B 43 0.31 31.77 -11.63
CA LEU B 43 -0.89 32.60 -11.73
C LEU B 43 -0.87 33.75 -10.74
N ARG B 44 -0.34 33.52 -9.53
CA ARG B 44 -0.21 34.61 -8.57
C ARG B 44 0.82 35.64 -9.03
N ALA B 45 1.95 35.20 -9.60
CA ALA B 45 2.93 36.14 -10.12
C ALA B 45 2.32 37.00 -11.22
N HIS B 46 1.56 36.40 -12.12
CA HIS B 46 0.90 37.15 -13.18
C HIS B 46 -0.13 38.14 -12.60
N LEU B 47 -0.89 37.71 -11.58
CA LEU B 47 -1.86 38.64 -10.98
C LEU B 47 -1.16 39.85 -10.37
N ALA B 48 -0.05 39.62 -9.65
CA ALA B 48 0.68 40.73 -9.04
C ALA B 48 1.21 41.70 -10.09
N GLN B 49 1.85 41.15 -11.12
CA GLN B 49 2.37 42.00 -12.18
C GLN B 49 1.26 42.81 -12.84
N GLN B 50 0.10 42.19 -13.07
CA GLN B 50 -1.00 42.89 -13.71
C GLN B 50 -1.57 43.98 -12.81
N ASP B 51 -1.54 43.78 -11.49
CA ASP B 51 -1.92 44.88 -10.63
C ASP B 51 -1.00 46.07 -10.87
N LEU B 52 0.31 45.79 -11.04
CA LEU B 52 1.25 46.87 -11.33
C LEU B 52 0.93 47.54 -12.68
N ASP B 53 0.59 46.75 -13.70
CA ASP B 53 0.25 47.31 -15.01
C ASP B 53 -1.01 48.18 -14.94
N LEU B 54 -2.02 47.71 -14.20
CA LEU B 54 -3.24 48.49 -14.05
C LEU B 54 -2.94 49.82 -13.37
N ALA B 55 -2.06 49.80 -12.36
CA ALA B 55 -1.66 51.03 -11.70
C ALA B 55 -0.96 51.98 -12.67
N ALA B 56 -0.09 51.43 -13.53
CA ALA B 56 0.61 52.27 -14.50
C ALA B 56 -0.37 52.95 -15.45
N GLU B 57 -1.38 52.22 -15.92
CA GLU B 57 -2.34 52.83 -16.83
C GLU B 57 -3.20 53.88 -16.12
N ARG B 58 -3.59 53.61 -14.88
CA ARG B 58 -4.40 54.59 -14.14
C ARG B 58 -3.61 55.88 -13.90
N GLU B 59 -2.33 55.75 -13.53
CA GLU B 59 -1.54 56.96 -13.30
C GLU B 59 -1.24 57.69 -14.61
N ALA B 60 -1.14 56.97 -15.73
CA ALA B 60 -0.99 57.66 -17.01
C ALA B 60 -2.27 58.38 -17.40
N ALA B 61 -3.42 57.86 -17.00
CA ALA B 61 -4.66 58.61 -17.19
C ALA B 61 -4.83 59.65 -16.09
N SER C 3 -10.43 16.36 -16.49
CA SER C 3 -9.14 15.83 -16.90
C SER C 3 -8.31 15.47 -15.67
N VAL C 4 -8.08 16.45 -14.79
CA VAL C 4 -7.52 16.12 -13.48
C VAL C 4 -8.55 15.36 -12.66
N LYS C 5 -9.84 15.67 -12.84
CA LYS C 5 -10.91 14.91 -12.22
C LYS C 5 -10.84 13.44 -12.65
N LEU C 6 -10.74 13.21 -13.95
CA LEU C 6 -10.65 11.84 -14.47
C LEU C 6 -9.40 11.15 -13.98
N GLU C 7 -8.28 11.88 -13.90
CA GLU C 7 -7.04 11.23 -13.50
C GLU C 7 -7.09 10.85 -12.02
N MET C 8 -7.68 11.70 -11.19
CA MET C 8 -7.89 11.32 -9.79
C MET C 8 -8.82 10.13 -9.66
N GLU C 9 -9.88 10.10 -10.46
CA GLU C 9 -10.79 8.95 -10.42
C GLU C 9 -10.05 7.65 -10.76
N MET C 10 -9.18 7.70 -11.77
CA MET C 10 -8.43 6.52 -12.17
C MET C 10 -7.42 6.14 -11.10
N VAL C 11 -6.80 7.13 -10.45
CA VAL C 11 -5.87 6.82 -9.37
C VAL C 11 -6.60 6.10 -8.24
N THR C 12 -7.81 6.56 -7.91
CA THR C 12 -8.56 5.92 -6.84
C THR C 12 -8.96 4.49 -7.22
N GLN C 13 -9.41 4.29 -8.46
CA GLN C 13 -9.83 2.95 -8.86
C GLN C 13 -8.66 1.97 -8.85
N GLN C 14 -7.52 2.37 -9.41
CA GLN C 14 -6.36 1.48 -9.38
C GLN C 14 -5.91 1.19 -7.96
N TYR C 15 -5.90 2.21 -7.10
CA TYR C 15 -5.53 1.99 -5.71
C TYR C 15 -6.43 0.93 -5.07
N GLU C 16 -7.75 1.03 -5.30
CA GLU C 16 -8.66 0.10 -4.64
C GLU C 16 -8.52 -1.32 -5.18
N LYS C 17 -8.31 -1.47 -6.49
CA LYS C 17 -8.10 -2.80 -7.03
C LYS C 17 -6.82 -3.44 -6.47
N ALA C 18 -5.75 -2.64 -6.38
CA ALA C 18 -4.51 -3.18 -5.80
C ALA C 18 -4.72 -3.57 -4.35
N LYS C 19 -5.47 -2.77 -3.60
CA LYS C 19 -5.79 -3.10 -2.22
C LYS C 19 -6.51 -4.45 -2.12
N ALA C 20 -7.47 -4.68 -3.02
CA ALA C 20 -8.18 -5.94 -3.01
C ALA C 20 -7.25 -7.13 -3.29
N ILE C 21 -6.32 -6.94 -4.23
CA ILE C 21 -5.34 -7.99 -4.54
C ILE C 21 -4.49 -8.32 -3.30
N GLN C 22 -4.02 -7.28 -2.61
CA GLN C 22 -3.24 -7.51 -1.39
C GLN C 22 -4.04 -8.29 -0.36
N ASP C 23 -5.33 -7.95 -0.18
CA ASP C 23 -6.14 -8.69 0.78
C ASP C 23 -6.23 -10.16 0.43
N GLU C 24 -6.40 -10.47 -0.86
CA GLU C 24 -6.46 -11.88 -1.26
C GLU C 24 -5.14 -12.58 -0.95
N GLN C 25 -4.02 -11.91 -1.19
CA GLN C 25 -2.73 -12.54 -0.90
C GLN C 25 -2.57 -12.84 0.59
N LEU C 26 -2.97 -11.88 1.43
CA LEU C 26 -2.90 -12.11 2.88
C LEU C 26 -3.76 -13.30 3.28
N GLU C 27 -4.97 -13.40 2.73
CA GLU C 27 -5.83 -14.53 3.08
C GLU C 27 -5.22 -15.86 2.66
N ARG C 28 -4.60 -15.90 1.47
CA ARG C 28 -3.99 -17.15 1.03
C ARG C 28 -2.80 -17.53 1.91
N LEU C 29 -1.97 -16.57 2.30
CA LEU C 29 -0.88 -16.88 3.22
C LEU C 29 -1.40 -17.43 4.54
N THR C 30 -2.49 -16.85 5.05
CA THR C 30 -3.07 -17.36 6.29
C THR C 30 -3.52 -18.80 6.13
N GLN C 31 -4.15 -19.13 4.99
CA GLN C 31 -4.60 -20.50 4.78
C GLN C 31 -3.41 -21.46 4.66
N ILE C 32 -2.33 -21.02 4.01
CA ILE C 32 -1.14 -21.84 3.91
C ILE C 32 -0.59 -22.14 5.29
N CYS C 33 -0.49 -21.11 6.14
N CYS C 33 -0.49 -21.10 6.13
CA CYS C 33 0.05 -21.35 7.47
CA CYS C 33 -0.01 -21.29 7.50
C CYS C 33 -0.86 -22.30 8.29
C CYS C 33 -0.86 -22.30 8.25
N GLN C 34 -2.18 -22.23 8.09
CA GLN C 34 -3.08 -23.17 8.77
C GLN C 34 -2.91 -24.61 8.26
N GLU C 35 -2.75 -24.78 6.94
CA GLU C 35 -2.53 -26.11 6.37
C GLU C 35 -1.22 -26.71 6.88
N GLN C 36 -0.18 -25.89 7.00
CA GLN C 36 1.09 -26.40 7.55
C GLN C 36 0.95 -26.77 9.02
N GLY C 37 0.24 -25.95 9.82
CA GLY C 37 0.00 -26.32 11.20
C GLY C 37 -0.71 -27.67 11.33
N PHE C 38 -1.75 -27.87 10.49
CA PHE C 38 -2.45 -29.15 10.48
C PHE C 38 -1.50 -30.30 10.15
N GLU C 39 -0.66 -30.11 9.13
CA GLU C 39 0.28 -31.16 8.76
C GLU C 39 1.26 -31.46 9.89
N ILE C 40 1.68 -30.42 10.62
CA ILE C 40 2.62 -30.62 11.73
C ILE C 40 1.99 -31.47 12.83
N ARG C 41 0.73 -31.17 13.19
CA ARG C 41 0.10 -31.96 14.23
C ARG C 41 -0.08 -33.40 13.76
N GLN C 42 -0.39 -33.59 12.48
CA GLN C 42 -0.51 -34.95 11.96
C GLN C 42 0.82 -35.69 12.04
N LEU C 43 1.91 -35.03 11.68
CA LEU C 43 3.20 -35.72 11.72
C LEU C 43 3.61 -36.06 13.15
N ARG C 44 3.32 -35.17 14.11
CA ARG C 44 3.66 -35.47 15.49
C ARG C 44 2.86 -36.67 16.00
N ALA C 45 1.57 -36.71 15.65
CA ALA C 45 0.75 -37.87 16.03
C ALA C 45 1.27 -39.15 15.39
N HIS C 46 1.63 -39.11 14.10
CA HIS C 46 2.15 -40.30 13.43
C HIS C 46 3.45 -40.77 14.07
N LEU C 47 4.32 -39.82 14.44
CA LEU C 47 5.59 -40.16 15.08
C LEU C 47 5.37 -40.88 16.40
N ALA C 48 4.43 -40.37 17.21
CA ALA C 48 4.11 -41.02 18.48
C ALA C 48 3.55 -42.41 18.24
N GLN C 49 2.63 -42.54 17.27
CA GLN C 49 2.04 -43.83 16.96
C GLN C 49 3.10 -44.87 16.56
N GLN C 50 4.06 -44.44 15.74
CA GLN C 50 5.10 -45.38 15.32
C GLN C 50 6.06 -45.69 16.45
N ASP C 51 6.30 -44.76 17.38
CA ASP C 51 7.08 -45.12 18.55
C ASP C 51 6.38 -46.21 19.35
N LEU C 52 5.05 -46.13 19.46
CA LEU C 52 4.31 -47.20 20.13
C LEU C 52 4.48 -48.53 19.39
N ASP C 53 4.44 -48.50 18.06
CA ASP C 53 4.61 -49.74 17.29
C ASP C 53 6.00 -50.34 17.52
N LEU C 54 7.02 -49.50 17.54
CA LEU C 54 8.38 -49.98 17.77
C LEU C 54 8.52 -50.59 19.15
N ALA C 55 7.95 -49.93 20.16
CA ALA C 55 7.98 -50.50 21.51
C ALA C 55 7.23 -51.84 21.54
N ALA C 56 6.11 -51.94 20.81
CA ALA C 56 5.35 -53.18 20.78
C ALA C 56 6.16 -54.33 20.20
N GLU C 57 6.87 -54.07 19.10
CA GLU C 57 7.68 -55.14 18.50
C GLU C 57 8.87 -55.49 19.38
N ARG C 58 9.47 -54.49 20.04
CA ARG C 58 10.52 -54.77 21.01
C ARG C 58 10.00 -55.70 22.11
N GLU C 59 8.87 -55.35 22.71
CA GLU C 59 8.30 -56.16 23.78
C GLU C 59 7.90 -57.54 23.26
N ALA C 60 7.53 -57.64 21.98
CA ALA C 60 7.15 -58.93 21.42
C ALA C 60 8.37 -59.83 21.23
N ALA C 61 9.49 -59.27 20.82
CA ALA C 61 10.72 -60.06 20.72
C ALA C 61 11.30 -60.31 22.11
N GLY D 2 0.93 26.41 7.99
CA GLY D 2 1.67 25.48 7.15
C GLY D 2 1.51 25.75 5.66
N SER D 3 2.16 24.91 4.85
CA SER D 3 2.13 25.02 3.40
C SER D 3 1.66 23.71 2.79
N VAL D 4 1.24 23.79 1.52
CA VAL D 4 0.74 22.62 0.81
C VAL D 4 1.84 21.56 0.68
N LYS D 5 3.09 22.00 0.49
CA LYS D 5 4.21 21.08 0.34
C LYS D 5 4.48 20.30 1.62
N LEU D 6 4.45 20.99 2.77
CA LEU D 6 4.72 20.29 4.02
C LEU D 6 3.57 19.36 4.40
N GLU D 7 2.33 19.79 4.18
CA GLU D 7 1.20 18.88 4.40
C GLU D 7 1.31 17.65 3.51
N MET D 8 1.73 17.85 2.26
CA MET D 8 1.90 16.72 1.36
C MET D 8 2.96 15.76 1.89
N GLU D 9 4.09 16.30 2.35
CA GLU D 9 5.15 15.45 2.87
C GLU D 9 4.70 14.68 4.11
N MET D 10 4.00 15.33 5.02
CA MET D 10 3.62 14.62 6.25
C MET D 10 2.53 13.58 6.00
N VAL D 11 1.55 13.88 5.13
CA VAL D 11 0.57 12.85 4.79
C VAL D 11 1.27 11.67 4.09
N THR D 12 2.26 11.97 3.25
CA THR D 12 3.00 10.89 2.59
C THR D 12 3.77 10.05 3.61
N GLN D 13 4.37 10.71 4.61
CA GLN D 13 5.10 9.98 5.64
C GLN D 13 4.16 9.06 6.44
N GLN D 14 2.98 9.56 6.80
CA GLN D 14 2.00 8.73 7.49
C GLN D 14 1.56 7.56 6.63
N TYR D 15 1.32 7.82 5.35
CA TYR D 15 1.01 6.75 4.41
C TYR D 15 2.12 5.69 4.44
N GLU D 16 3.38 6.13 4.41
CA GLU D 16 4.50 5.20 4.32
C GLU D 16 4.67 4.42 5.62
N LYS D 17 4.43 5.07 6.77
CA LYS D 17 4.48 4.33 8.03
C LYS D 17 3.41 3.26 8.10
N ALA D 18 2.20 3.59 7.65
CA ALA D 18 1.13 2.58 7.64
C ALA D 18 1.47 1.44 6.68
N LYS D 19 2.03 1.78 5.52
CA LYS D 19 2.47 0.75 4.58
C LYS D 19 3.53 -0.15 5.21
N ALA D 20 4.45 0.44 5.97
CA ALA D 20 5.47 -0.35 6.65
C ALA D 20 4.82 -1.34 7.61
N ILE D 21 3.78 -0.89 8.34
CA ILE D 21 3.09 -1.79 9.25
C ILE D 21 2.48 -2.98 8.50
N GLN D 22 1.80 -2.71 7.37
CA GLN D 22 1.24 -3.80 6.58
C GLN D 22 2.32 -4.76 6.10
N ASP D 23 3.42 -4.21 5.57
CA ASP D 23 4.50 -5.04 5.04
C ASP D 23 5.11 -5.92 6.13
N GLU D 24 5.25 -5.37 7.34
CA GLU D 24 5.72 -6.18 8.46
C GLU D 24 4.75 -7.33 8.75
N GLN D 25 3.44 -7.10 8.58
CA GLN D 25 2.51 -8.20 8.79
C GLN D 25 2.73 -9.31 7.77
N LEU D 26 2.91 -8.94 6.51
CA LEU D 26 3.20 -9.92 5.48
C LEU D 26 4.48 -10.69 5.81
N GLU D 27 5.51 -9.96 6.25
CA GLU D 27 6.79 -10.60 6.56
C GLU D 27 6.67 -11.55 7.76
N ARG D 28 5.84 -11.18 8.75
CA ARG D 28 5.65 -12.06 9.91
C ARG D 28 4.96 -13.36 9.49
N LEU D 29 3.91 -13.25 8.66
CA LEU D 29 3.25 -14.46 8.17
C LEU D 29 4.22 -15.32 7.36
N THR D 30 5.06 -14.68 6.55
CA THR D 30 6.05 -15.42 5.75
C THR D 30 7.03 -16.16 6.65
N GLN D 31 7.54 -15.50 7.68
CA GLN D 31 8.48 -16.17 8.59
C GLN D 31 7.80 -17.32 9.32
N ILE D 32 6.54 -17.15 9.69
CA ILE D 32 5.80 -18.23 10.34
C ILE D 32 5.73 -19.43 9.41
N CYS D 33 5.32 -19.19 8.16
N CYS D 33 5.33 -19.18 8.15
CA CYS D 33 5.18 -20.29 7.22
CA CYS D 33 5.21 -20.26 7.17
C CYS D 33 6.54 -20.95 6.92
C CYS D 33 6.55 -20.95 6.96
N GLN D 34 7.63 -20.18 6.94
CA GLN D 34 8.96 -20.76 6.76
C GLN D 34 9.38 -21.62 7.95
N GLU D 35 9.09 -21.16 9.17
CA GLU D 35 9.44 -21.96 10.34
C GLU D 35 8.64 -23.25 10.36
N GLN D 36 7.37 -23.20 9.94
CA GLN D 36 6.57 -24.41 9.86
C GLN D 36 7.12 -25.36 8.82
N GLY D 37 7.53 -24.84 7.66
CA GLY D 37 8.15 -25.70 6.67
C GLY D 37 9.38 -26.42 7.20
N PHE D 38 10.26 -25.67 7.88
CA PHE D 38 11.43 -26.32 8.47
C PHE D 38 11.03 -27.36 9.52
N GLU D 39 10.05 -27.06 10.36
CA GLU D 39 9.64 -28.05 11.34
C GLU D 39 9.08 -29.31 10.67
N ILE D 40 8.35 -29.13 9.57
CA ILE D 40 7.81 -30.28 8.86
C ILE D 40 8.94 -31.14 8.32
N ARG D 41 9.97 -30.51 7.76
CA ARG D 41 11.10 -31.28 7.23
C ARG D 41 11.83 -32.03 8.34
N GLN D 42 11.96 -31.42 9.50
CA GLN D 42 12.58 -32.11 10.64
C GLN D 42 11.75 -33.32 11.07
N LEU D 43 10.42 -33.15 11.12
CA LEU D 43 9.57 -34.26 11.53
C LEU D 43 9.61 -35.38 10.51
N ARG D 44 9.68 -35.03 9.22
CA ARG D 44 9.80 -36.05 8.19
C ARG D 44 11.13 -36.79 8.29
N ALA D 45 12.23 -36.07 8.62
CA ALA D 45 13.49 -36.78 8.86
C ALA D 45 13.36 -37.77 10.01
N HIS D 46 12.70 -37.35 11.11
CA HIS D 46 12.51 -38.29 12.22
C HIS D 46 11.71 -39.49 11.79
N LEU D 47 10.62 -39.26 11.02
CA LEU D 47 9.76 -40.37 10.58
C LEU D 47 10.52 -41.32 9.68
N ALA D 48 11.35 -40.79 8.78
CA ALA D 48 12.15 -41.64 7.92
C ALA D 48 13.10 -42.51 8.73
N GLN D 49 13.80 -41.91 9.70
CA GLN D 49 14.71 -42.71 10.54
C GLN D 49 13.95 -43.77 11.30
N GLN D 50 12.78 -43.42 11.81
CA GLN D 50 11.97 -44.35 12.58
C GLN D 50 11.42 -45.47 11.70
N ASP D 51 11.04 -45.17 10.46
CA ASP D 51 10.62 -46.21 9.53
C ASP D 51 11.74 -47.17 9.26
N LEU D 52 12.97 -46.67 9.13
CA LEU D 52 14.10 -47.58 8.96
C LEU D 52 14.26 -48.48 10.18
N ASP D 53 14.19 -47.91 11.38
CA ASP D 53 14.38 -48.72 12.58
C ASP D 53 13.24 -49.74 12.76
N LEU D 54 11.99 -49.33 12.50
CA LEU D 54 10.84 -50.22 12.60
C LEU D 54 10.91 -51.34 11.56
N ALA D 55 11.27 -51.01 10.31
CA ALA D 55 11.41 -52.03 9.28
C ALA D 55 12.53 -53.01 9.62
N ALA D 56 13.63 -52.50 10.17
CA ALA D 56 14.71 -53.40 10.59
C ALA D 56 14.23 -54.33 11.69
N GLU D 57 13.43 -53.82 12.62
CA GLU D 57 12.87 -54.66 13.68
C GLU D 57 11.83 -55.64 13.12
#